data_3AFK
#
_entry.id   3AFK
#
_cell.length_a   40.850
_cell.length_b   43.440
_cell.length_c   56.060
_cell.angle_alpha   102.080
_cell.angle_beta   98.150
_cell.angle_gamma   118.060
#
_symmetry.space_group_name_H-M   'P 1'
#
loop_
_entity.id
_entity.type
_entity.pdbx_description
1 polymer 'Anti-tumor lectin'
2 branched beta-D-galactopyranose-(1-3)-2-acetamido-2-deoxy-alpha-D-galactopyranose
3 non-polymer THREONINE
4 water water
#
_entity_poly.entity_id   1
_entity_poly.type   'polypeptide(L)'
_entity_poly.pdbx_seq_one_letter_code
;MQGVNIYNISAGTSVDLAAPVTTGDIVTFFSSALNLNAGAGNPNNTTLNLFAENGAYLLHIAFRLQENVIIFNSRQPDGP
WLVEQRVSDVANQFAGIDGKAMVTVFDHGDKYQVVINEKTVIQYTKQISGLTSSLSYNATEETSIFSTVVEAVTYTGLAL
EHHHHHH
;
_entity_poly.pdbx_strand_id   A,B
#
loop_
_chem_comp.id
_chem_comp.type
_chem_comp.name
_chem_comp.formula
A2G D-saccharide, alpha linking 2-acetamido-2-deoxy-alpha-D-galactopyranose 'C8 H15 N O6'
GAL D-saccharide, beta linking beta-D-galactopyranose 'C6 H12 O6'
#
# COMPACT_ATOMS: atom_id res chain seq x y z
N MET A 1 -17.12 3.14 1.62
CA MET A 1 -16.53 1.84 1.21
C MET A 1 -15.02 1.96 1.05
N GLN A 2 -14.36 0.82 0.81
CA GLN A 2 -12.91 0.81 0.64
C GLN A 2 -12.50 1.56 -0.62
N GLY A 3 -11.45 2.35 -0.51
CA GLY A 3 -10.98 3.11 -1.65
C GLY A 3 -9.49 3.40 -1.60
N VAL A 4 -8.92 3.67 -2.76
CA VAL A 4 -7.51 3.98 -2.90
C VAL A 4 -7.39 5.38 -3.47
N ASN A 5 -6.54 6.19 -2.84
CA ASN A 5 -6.31 7.55 -3.30
C ASN A 5 -4.81 7.70 -3.43
N ILE A 6 -4.38 8.34 -4.52
CA ILE A 6 -2.95 8.52 -4.77
C ILE A 6 -2.63 10.00 -4.77
N TYR A 7 -1.52 10.36 -4.12
CA TYR A 7 -1.08 11.74 -4.07
C TYR A 7 0.41 11.80 -4.35
N ASN A 8 0.82 12.82 -5.09
CA ASN A 8 2.23 12.98 -5.40
C ASN A 8 2.65 14.28 -4.73
N ILE A 9 3.33 14.14 -3.59
CA ILE A 9 3.76 15.28 -2.79
C ILE A 9 5.21 15.68 -3.01
N SER A 10 5.42 16.86 -3.60
CA SER A 10 6.76 17.37 -3.83
C SER A 10 7.30 17.83 -2.48
N ALA A 11 8.61 17.77 -2.31
CA ALA A 11 9.27 18.19 -1.09
C ALA A 11 8.87 19.61 -0.71
N GLY A 12 8.50 19.79 0.55
CA GLY A 12 8.12 21.12 1.01
C GLY A 12 6.68 21.50 0.78
N THR A 13 5.85 20.56 0.36
CA THR A 13 4.43 20.85 0.14
C THR A 13 3.53 19.93 0.94
N SER A 14 2.24 20.24 0.95
CA SER A 14 1.25 19.45 1.67
C SER A 14 0.06 19.20 0.75
N VAL A 15 -0.80 18.25 1.11
CA VAL A 15 -1.96 17.96 0.29
C VAL A 15 -3.16 17.60 1.15
N ASP A 16 -4.35 18.03 0.72
CA ASP A 16 -5.57 17.71 1.46
C ASP A 16 -6.06 16.37 0.95
N LEU A 17 -6.50 15.52 1.87
CA LEU A 17 -7.00 14.21 1.49
C LEU A 17 -8.44 14.25 0.99
N ALA A 18 -8.69 13.56 -0.12
CA ALA A 18 -10.05 13.52 -0.68
C ALA A 18 -10.89 12.66 0.25
N ALA A 19 -10.24 11.66 0.84
CA ALA A 19 -10.89 10.76 1.78
C ALA A 19 -10.04 10.80 3.05
N PRO A 20 -10.62 11.22 4.17
CA PRO A 20 -9.85 11.29 5.43
C PRO A 20 -9.36 9.94 5.94
N VAL A 21 -8.23 9.96 6.64
CA VAL A 21 -7.68 8.75 7.21
C VAL A 21 -8.13 8.69 8.66
N THR A 22 -8.86 7.62 8.99
CA THR A 22 -9.36 7.45 10.35
C THR A 22 -8.94 6.09 10.88
N THR A 23 -9.52 5.70 12.02
CA THR A 23 -9.21 4.43 12.64
C THR A 23 -9.41 3.25 11.69
N GLY A 24 -8.39 2.42 11.56
CA GLY A 24 -8.46 1.27 10.68
C GLY A 24 -7.91 1.55 9.29
N ASP A 25 -7.60 2.81 9.02
CA ASP A 25 -7.07 3.18 7.71
C ASP A 25 -5.54 3.13 7.66
N ILE A 26 -5.01 3.16 6.44
CA ILE A 26 -3.57 3.07 6.21
C ILE A 26 -3.07 4.07 5.18
N VAL A 27 -1.88 4.61 5.43
CA VAL A 27 -1.25 5.52 4.48
C VAL A 27 0.19 5.05 4.31
N THR A 28 0.65 4.96 3.07
CA THR A 28 2.02 4.55 2.81
C THR A 28 2.68 5.60 1.90
N PHE A 29 3.84 6.07 2.33
CA PHE A 29 4.60 7.05 1.57
C PHE A 29 5.67 6.27 0.81
N PHE A 30 5.75 6.49 -0.50
CA PHE A 30 6.72 5.81 -1.34
C PHE A 30 7.81 6.75 -1.85
N SER A 31 9.06 6.38 -1.64
CA SER A 31 10.19 7.19 -2.10
C SER A 31 10.98 6.39 -3.14
N SER A 32 11.29 7.04 -4.27
CA SER A 32 12.03 6.39 -5.34
C SER A 32 13.53 6.51 -5.13
N ALA A 33 13.92 7.01 -3.97
CA ALA A 33 15.33 7.17 -3.64
C ALA A 33 15.53 7.00 -2.14
N LEU A 34 16.77 6.70 -1.75
CA LEU A 34 17.13 6.53 -0.35
C LEU A 34 18.53 7.13 -0.23
N ASN A 35 18.58 8.37 0.22
CA ASN A 35 19.83 9.11 0.35
C ASN A 35 20.35 9.20 1.78
N LEU A 36 21.09 8.19 2.21
CA LEU A 36 21.63 8.18 3.57
C LEU A 36 22.88 9.05 3.70
N ASN A 37 23.31 9.65 2.61
CA ASN A 37 24.48 10.52 2.65
C ASN A 37 24.07 11.94 2.25
N ALA A 38 22.79 12.25 2.46
CA ALA A 38 22.23 13.55 2.13
C ALA A 38 22.91 14.68 2.89
N GLY A 39 23.62 14.34 3.97
CA GLY A 39 24.29 15.37 4.73
C GLY A 39 23.61 15.76 6.02
N ALA A 40 23.61 17.06 6.32
CA ALA A 40 23.03 17.55 7.55
C ALA A 40 21.66 18.20 7.45
N GLY A 41 20.76 17.77 8.34
CA GLY A 41 19.43 18.33 8.40
C GLY A 41 19.55 19.54 9.30
N ASN A 42 18.51 20.37 9.39
CA ASN A 42 18.59 21.56 10.22
C ASN A 42 17.43 21.74 11.20
N PRO A 43 17.22 20.77 12.10
CA PRO A 43 17.97 19.52 12.29
C PRO A 43 17.35 18.35 11.52
N ASN A 44 16.19 18.58 10.91
CA ASN A 44 15.51 17.54 10.16
C ASN A 44 15.95 17.45 8.71
N ASN A 45 16.14 16.22 8.24
CA ASN A 45 16.52 15.99 6.85
C ASN A 45 15.22 15.86 6.07
N THR A 46 14.28 15.15 6.69
CA THR A 46 12.98 14.88 6.09
C THR A 46 11.95 14.72 7.19
N THR A 47 10.72 15.17 6.91
CA THR A 47 9.62 15.02 7.86
C THR A 47 8.41 14.55 7.06
N LEU A 48 7.64 13.66 7.66
CA LEU A 48 6.41 13.16 7.05
C LEU A 48 5.39 13.49 8.12
N ASN A 49 4.26 14.09 7.72
CA ASN A 49 3.27 14.51 8.70
C ASN A 49 1.83 14.18 8.36
N LEU A 50 1.06 13.84 9.40
CA LEU A 50 -0.37 13.57 9.29
C LEU A 50 -1.01 14.72 10.07
N PHE A 51 -1.77 15.56 9.38
CA PHE A 51 -2.41 16.71 10.02
C PHE A 51 -3.90 16.57 10.27
N ALA A 52 -4.35 17.15 11.38
CA ALA A 52 -5.75 17.15 11.73
C ALA A 52 -6.34 18.37 10.99
N GLU A 53 -7.67 18.48 10.98
CA GLU A 53 -8.33 19.57 10.28
C GLU A 53 -7.90 20.94 10.80
N ASN A 54 -7.58 21.03 12.09
CA ASN A 54 -7.17 22.31 12.66
C ASN A 54 -5.66 22.57 12.52
N GLY A 55 -4.98 21.75 11.74
CA GLY A 55 -3.55 21.94 11.53
C GLY A 55 -2.65 21.28 12.56
N ALA A 56 -3.25 20.55 13.49
CA ALA A 56 -2.47 19.86 14.51
C ALA A 56 -1.64 18.75 13.90
N TYR A 57 -0.42 18.59 14.41
CA TYR A 57 0.47 17.53 13.97
C TYR A 57 0.05 16.26 14.72
N LEU A 58 -0.84 15.47 14.13
CA LEU A 58 -1.29 14.23 14.76
C LEU A 58 -0.09 13.30 14.89
N LEU A 59 0.71 13.25 13.82
CA LEU A 59 1.92 12.44 13.81
C LEU A 59 2.97 13.16 12.98
N HIS A 60 4.13 13.38 13.61
CA HIS A 60 5.27 14.04 13.00
C HIS A 60 6.39 13.02 12.97
N ILE A 61 6.86 12.68 11.78
CA ILE A 61 7.96 11.71 11.66
C ILE A 61 9.16 12.48 11.11
N ALA A 62 10.20 12.63 11.92
CA ALA A 62 11.37 13.37 11.47
C ALA A 62 12.61 12.49 11.40
N PHE A 63 13.25 12.50 10.24
CA PHE A 63 14.47 11.72 10.02
C PHE A 63 15.70 12.63 10.13
N ARG A 64 16.63 12.26 11.00
CA ARG A 64 17.85 13.04 11.21
C ARG A 64 19.08 12.16 11.06
N LEU A 65 19.86 12.41 10.01
CA LEU A 65 21.06 11.64 9.72
C LEU A 65 22.24 11.91 10.65
N GLN A 66 22.49 13.18 10.94
CA GLN A 66 23.61 13.55 11.81
C GLN A 66 23.35 13.13 13.26
N GLU A 67 22.10 13.26 13.68
CA GLU A 67 21.73 12.85 15.04
C GLU A 67 21.40 11.37 15.04
N ASN A 68 21.42 10.76 13.85
CA ASN A 68 21.15 9.34 13.66
C ASN A 68 19.94 8.86 14.45
N VAL A 69 18.79 9.46 14.15
CA VAL A 69 17.57 9.10 14.85
C VAL A 69 16.32 9.46 14.07
N ILE A 70 15.25 8.70 14.32
CA ILE A 70 13.96 8.96 13.67
C ILE A 70 13.10 9.37 14.86
N ILE A 71 12.54 10.57 14.79
CA ILE A 71 11.72 11.06 15.89
C ILE A 71 10.23 11.03 15.57
N PHE A 72 9.43 10.68 16.57
CA PHE A 72 7.98 10.65 16.43
C PHE A 72 7.42 11.58 17.49
N ASN A 73 6.54 12.50 17.09
CA ASN A 73 5.96 13.44 18.03
C ASN A 73 4.63 13.98 17.52
N SER A 74 4.02 14.85 18.32
CA SER A 74 2.74 15.47 18.00
C SER A 74 2.70 16.83 18.68
N ARG A 75 1.76 17.67 18.26
CA ARG A 75 1.56 18.99 18.86
C ARG A 75 0.39 19.72 18.23
N GLN A 76 -0.25 20.56 19.03
CA GLN A 76 -1.39 21.35 18.57
C GLN A 76 -0.82 22.47 17.71
N PRO A 77 -1.66 23.09 16.86
CA PRO A 77 -1.17 24.17 16.01
C PRO A 77 -0.51 25.33 16.76
N ASP A 78 -1.05 25.66 17.94
CA ASP A 78 -0.50 26.76 18.74
C ASP A 78 0.13 26.22 20.01
N GLY A 79 0.44 24.92 20.02
CA GLY A 79 1.02 24.34 21.21
C GLY A 79 2.47 23.93 21.09
N PRO A 80 3.11 23.58 22.20
CA PRO A 80 4.51 23.18 22.15
C PRO A 80 4.61 21.72 21.70
N TRP A 81 5.78 21.36 21.20
CA TRP A 81 6.01 19.98 20.80
C TRP A 81 5.88 19.15 22.06
N LEU A 82 5.26 17.98 21.93
CA LEU A 82 5.05 17.13 23.10
C LEU A 82 6.20 16.16 23.34
N VAL A 83 5.90 14.99 23.88
CA VAL A 83 6.96 14.03 24.20
C VAL A 83 7.44 13.20 23.00
N GLU A 84 8.70 13.40 22.63
CA GLU A 84 9.29 12.68 21.52
C GLU A 84 9.50 11.20 21.84
N GLN A 85 9.32 10.36 20.82
CA GLN A 85 9.58 8.94 20.93
C GLN A 85 10.69 8.79 19.89
N ARG A 86 11.82 8.21 20.29
CA ARG A 86 12.94 8.07 19.37
C ARG A 86 13.38 6.68 19.02
N VAL A 87 13.83 6.52 17.78
CA VAL A 87 14.35 5.24 17.32
C VAL A 87 15.71 5.54 16.71
N SER A 88 16.76 5.05 17.38
CA SER A 88 18.12 5.29 16.91
C SER A 88 18.52 4.43 15.72
N ASP A 89 19.52 4.91 14.98
CA ASP A 89 20.07 4.25 13.80
C ASP A 89 19.12 4.29 12.61
N VAL A 90 19.18 5.38 11.85
CA VAL A 90 18.32 5.54 10.69
C VAL A 90 18.58 4.44 9.65
N ALA A 91 19.83 4.29 9.27
CA ALA A 91 20.21 3.29 8.28
C ALA A 91 19.68 1.90 8.60
N ASN A 92 19.82 1.49 9.86
CA ASN A 92 19.34 0.16 10.26
C ASN A 92 17.86 -0.08 10.02
N GLN A 93 17.06 0.98 10.10
CA GLN A 93 15.63 0.82 9.90
C GLN A 93 15.29 0.56 8.42
N PHE A 94 16.13 1.06 7.51
CA PHE A 94 15.90 0.87 6.08
C PHE A 94 16.67 -0.31 5.48
N ALA A 95 17.58 -0.89 6.25
CA ALA A 95 18.40 -2.01 5.78
C ALA A 95 17.58 -3.08 5.04
N GLY A 96 18.18 -3.66 4.01
CA GLY A 96 17.51 -4.68 3.24
C GLY A 96 16.99 -4.18 1.90
N ILE A 97 16.67 -2.89 1.84
CA ILE A 97 16.17 -2.28 0.62
C ILE A 97 16.99 -1.04 0.30
N ASP A 98 17.56 -1.00 -0.90
CA ASP A 98 18.38 0.12 -1.34
C ASP A 98 17.77 0.84 -2.54
N GLY A 99 18.15 2.10 -2.74
CA GLY A 99 17.65 2.86 -3.87
C GLY A 99 16.22 3.36 -3.78
N LYS A 100 15.50 2.94 -2.74
CA LYS A 100 14.12 3.36 -2.56
C LYS A 100 13.68 3.04 -1.13
N ALA A 101 12.50 3.52 -0.76
CA ALA A 101 12.00 3.28 0.59
C ALA A 101 10.49 3.40 0.68
N MET A 102 9.95 2.84 1.75
CA MET A 102 8.51 2.84 1.97
C MET A 102 8.24 3.06 3.46
N VAL A 103 7.32 3.99 3.77
CA VAL A 103 6.97 4.27 5.16
C VAL A 103 5.46 4.18 5.30
N THR A 104 5.00 3.19 6.08
CA THR A 104 3.57 3.00 6.28
C THR A 104 3.12 3.36 7.68
N VAL A 105 1.97 4.04 7.75
CA VAL A 105 1.40 4.43 9.02
C VAL A 105 0.01 3.83 9.14
N PHE A 106 -0.22 3.06 10.19
CA PHE A 106 -1.54 2.47 10.43
C PHE A 106 -2.19 3.32 11.51
N ASP A 107 -3.45 3.71 11.31
CA ASP A 107 -4.14 4.45 12.34
C ASP A 107 -4.98 3.41 13.09
N HIS A 108 -4.51 3.02 14.27
CA HIS A 108 -5.20 2.02 15.06
C HIS A 108 -6.14 2.63 16.11
N GLY A 109 -6.46 3.90 15.94
CA GLY A 109 -7.37 4.55 16.88
C GLY A 109 -6.71 5.08 18.13
N ASP A 110 -6.07 4.20 18.89
CA ASP A 110 -5.40 4.60 20.11
C ASP A 110 -3.89 4.79 19.88
N LYS A 111 -3.40 4.24 18.77
CA LYS A 111 -1.98 4.36 18.44
C LYS A 111 -1.76 4.43 16.94
N TYR A 112 -0.54 4.80 16.56
CA TYR A 112 -0.14 4.86 15.16
C TYR A 112 1.01 3.87 15.02
N GLN A 113 0.86 2.88 14.16
CA GLN A 113 1.93 1.91 13.94
C GLN A 113 2.71 2.39 12.73
N VAL A 114 4.01 2.61 12.90
CA VAL A 114 4.84 3.07 11.79
C VAL A 114 5.76 1.93 11.36
N VAL A 115 5.71 1.61 10.07
CA VAL A 115 6.53 0.55 9.51
C VAL A 115 7.41 1.10 8.40
N ILE A 116 8.69 0.79 8.46
CA ILE A 116 9.62 1.23 7.43
C ILE A 116 9.89 -0.01 6.61
N ASN A 117 9.40 -0.01 5.38
CA ASN A 117 9.51 -1.15 4.48
C ASN A 117 8.69 -2.27 5.13
N GLU A 118 9.34 -3.29 5.67
CA GLU A 118 8.61 -4.38 6.33
C GLU A 118 8.80 -4.38 7.85
N LYS A 119 9.64 -3.47 8.33
CA LYS A 119 9.95 -3.40 9.76
C LYS A 119 9.12 -2.42 10.58
N THR A 120 8.38 -2.95 11.55
CA THR A 120 7.58 -2.11 12.42
C THR A 120 8.60 -1.47 13.36
N VAL A 121 8.72 -0.15 13.32
CA VAL A 121 9.69 0.53 14.15
C VAL A 121 9.09 1.14 15.41
N ILE A 122 7.77 1.28 15.46
CA ILE A 122 7.14 1.83 16.65
C ILE A 122 5.63 1.70 16.68
N GLN A 123 5.10 1.48 17.87
CA GLN A 123 3.66 1.43 18.12
C GLN A 123 3.53 2.71 18.94
N TYR A 124 3.31 3.81 18.23
CA TYR A 124 3.23 5.13 18.83
C TYR A 124 1.88 5.44 19.48
N THR A 125 1.86 5.48 20.81
CA THR A 125 0.61 5.79 21.50
C THR A 125 0.32 7.26 21.19
N LYS A 126 -0.89 7.53 20.72
CA LYS A 126 -1.25 8.89 20.36
C LYS A 126 -1.15 9.89 21.49
N GLN A 127 -0.78 11.12 21.15
CA GLN A 127 -0.69 12.21 22.11
C GLN A 127 -1.85 13.14 21.79
N ILE A 128 -2.34 13.05 20.56
CA ILE A 128 -3.48 13.83 20.09
C ILE A 128 -4.30 12.90 19.20
N SER A 129 -5.61 12.92 19.36
CA SER A 129 -6.49 12.07 18.57
C SER A 129 -7.25 12.87 17.53
N GLY A 130 -7.93 12.17 16.63
CA GLY A 130 -8.70 12.82 15.59
C GLY A 130 -8.41 12.24 14.22
N LEU A 131 -9.17 12.67 13.22
CA LEU A 131 -8.98 12.18 11.87
C LEU A 131 -7.91 12.99 11.13
N THR A 132 -7.24 12.33 10.19
CA THR A 132 -6.20 12.98 9.40
C THR A 132 -6.86 13.52 8.14
N SER A 133 -6.73 14.83 7.91
CA SER A 133 -7.34 15.45 6.74
C SER A 133 -6.33 15.92 5.69
N SER A 134 -5.05 15.90 6.03
CA SER A 134 -4.02 16.32 5.09
C SER A 134 -2.68 15.69 5.46
N LEU A 135 -1.77 15.67 4.50
CA LEU A 135 -0.45 15.09 4.71
C LEU A 135 0.60 16.02 4.13
N SER A 136 1.84 15.89 4.59
CA SER A 136 2.91 16.72 4.04
C SER A 136 4.24 15.99 4.08
N TYR A 137 5.11 16.39 3.16
CA TYR A 137 6.46 15.84 3.06
C TYR A 137 7.34 17.07 2.95
N ASN A 138 8.11 17.32 3.99
CA ASN A 138 8.97 18.51 4.02
C ASN A 138 10.45 18.18 4.03
N ALA A 139 11.18 18.84 3.14
CA ALA A 139 12.63 18.67 3.01
C ALA A 139 13.09 19.50 1.82
N THR A 140 14.39 19.49 1.58
CA THR A 140 14.96 20.21 0.44
C THR A 140 15.65 19.15 -0.39
N GLU A 141 15.73 19.38 -1.70
CA GLU A 141 16.39 18.41 -2.56
C GLU A 141 17.81 18.18 -2.05
N GLU A 142 18.37 19.20 -1.42
CA GLU A 142 19.72 19.14 -0.91
C GLU A 142 19.95 18.12 0.20
N THR A 143 19.09 18.11 1.21
CA THR A 143 19.28 17.21 2.34
C THR A 143 18.20 16.18 2.66
N SER A 144 17.27 15.94 1.73
CA SER A 144 16.23 14.95 1.99
C SER A 144 16.76 13.52 1.83
N ILE A 145 16.24 12.59 2.61
CA ILE A 145 16.67 11.21 2.47
C ILE A 145 15.80 10.54 1.42
N PHE A 146 14.73 11.23 1.01
CA PHE A 146 13.83 10.68 0.00
C PHE A 146 13.91 11.42 -1.32
N SER A 147 13.20 10.90 -2.33
CA SER A 147 13.18 11.52 -3.65
C SER A 147 12.44 12.87 -3.60
N THR A 148 12.68 13.71 -4.61
CA THR A 148 12.06 15.02 -4.67
C THR A 148 10.54 14.92 -4.52
N VAL A 149 9.96 13.89 -5.13
CA VAL A 149 8.54 13.66 -5.02
C VAL A 149 8.29 12.33 -4.34
N VAL A 150 7.41 12.35 -3.35
CA VAL A 150 7.05 11.15 -2.61
C VAL A 150 5.59 10.84 -2.91
N GLU A 151 5.32 9.60 -3.28
CA GLU A 151 3.95 9.20 -3.58
C GLU A 151 3.28 8.65 -2.33
N ALA A 152 2.18 9.27 -1.93
CA ALA A 152 1.44 8.82 -0.76
C ALA A 152 0.16 8.13 -1.21
N VAL A 153 -0.03 6.91 -0.74
CA VAL A 153 -1.22 6.14 -1.08
C VAL A 153 -2.01 5.84 0.18
N THR A 154 -3.27 6.22 0.17
CA THR A 154 -4.10 5.97 1.34
C THR A 154 -5.13 4.89 1.02
N TYR A 155 -5.35 4.02 2.00
CA TYR A 155 -6.34 2.96 1.88
C TYR A 155 -7.35 3.33 2.95
N THR A 156 -8.54 3.73 2.54
CA THR A 156 -9.57 4.17 3.48
C THR A 156 -10.85 3.34 3.46
N GLY A 157 -11.70 3.58 4.46
CA GLY A 157 -12.95 2.84 4.59
C GLY A 157 -12.65 1.39 4.89
N LEU A 158 -11.54 1.15 5.58
CA LEU A 158 -11.07 -0.20 5.89
C LEU A 158 -11.62 -0.91 7.11
N ALA A 159 -11.78 -0.18 8.21
CA ALA A 159 -12.24 -0.76 9.48
C ALA A 159 -13.08 -2.03 9.36
N LEU A 160 -12.58 -3.12 9.94
CA LEU A 160 -13.28 -4.39 9.95
C LEU A 160 -13.22 -4.99 11.35
N GLU A 161 -14.34 -4.98 12.05
CA GLU A 161 -14.40 -5.52 13.40
C GLU A 161 -15.38 -6.68 13.54
N HIS A 162 -15.00 -7.67 14.32
CA HIS A 162 -15.85 -8.82 14.61
C HIS A 162 -16.13 -8.68 16.09
N HIS A 163 -17.38 -8.37 16.43
CA HIS A 163 -17.74 -8.19 17.84
C HIS A 163 -18.13 -9.49 18.53
N HIS A 164 -17.62 -9.64 19.75
CA HIS A 164 -17.87 -10.82 20.56
C HIS A 164 -18.41 -10.36 21.92
N HIS A 165 -19.57 -10.87 22.30
CA HIS A 165 -20.19 -10.48 23.57
C HIS A 165 -20.20 -11.59 24.61
N HIS A 166 -19.97 -11.20 25.86
CA HIS A 166 -19.94 -12.16 26.97
C HIS A 166 -20.71 -11.61 28.17
N HIS A 167 -21.35 -12.49 28.91
CA HIS A 167 -22.11 -12.10 30.10
C HIS A 167 -22.17 -13.25 31.11
N MET B 1 -1.41 -9.43 14.69
CA MET B 1 -0.57 -8.22 14.52
C MET B 1 -0.61 -7.74 13.07
N GLN B 2 -0.76 -6.43 12.89
CA GLN B 2 -0.79 -5.84 11.56
C GLN B 2 0.64 -5.80 11.04
N GLY B 3 0.79 -6.04 9.74
CA GLY B 3 2.14 -6.03 9.18
C GLY B 3 2.18 -5.72 7.70
N VAL B 4 3.36 -5.35 7.24
CA VAL B 4 3.58 -5.02 5.84
C VAL B 4 4.67 -5.94 5.28
N ASN B 5 4.42 -6.53 4.13
CA ASN B 5 5.39 -7.41 3.47
C ASN B 5 5.58 -6.94 2.04
N ILE B 6 6.82 -7.00 1.56
CA ILE B 6 7.17 -6.54 0.21
C ILE B 6 7.79 -7.67 -0.60
N TYR B 7 7.23 -7.93 -1.78
CA TYR B 7 7.75 -8.99 -2.64
C TYR B 7 8.02 -8.55 -4.07
N ASN B 8 9.27 -8.72 -4.52
CA ASN B 8 9.61 -8.37 -5.89
C ASN B 8 9.32 -9.62 -6.71
N ILE B 9 8.43 -9.49 -7.69
CA ILE B 9 8.04 -10.62 -8.53
C ILE B 9 8.36 -10.39 -10.00
N SER B 10 9.23 -11.22 -10.55
CA SER B 10 9.59 -11.12 -11.95
C SER B 10 8.52 -11.82 -12.79
N ALA B 11 8.32 -11.34 -14.01
CA ALA B 11 7.32 -11.93 -14.90
C ALA B 11 7.59 -13.42 -15.09
N GLY B 12 6.56 -14.23 -14.90
CA GLY B 12 6.72 -15.67 -15.06
C GLY B 12 7.10 -16.40 -13.80
N THR B 13 7.01 -15.72 -12.66
CA THR B 13 7.34 -16.36 -11.39
C THR B 13 6.24 -16.13 -10.36
N SER B 14 6.32 -16.89 -9.27
CA SER B 14 5.35 -16.78 -8.19
C SER B 14 6.13 -16.61 -6.89
N VAL B 15 5.43 -16.21 -5.83
CA VAL B 15 6.07 -16.04 -4.54
C VAL B 15 5.15 -16.53 -3.43
N ASP B 16 5.74 -17.12 -2.39
CA ASP B 16 4.95 -17.59 -1.26
C ASP B 16 5.00 -16.49 -0.21
N LEU B 17 3.83 -16.09 0.27
CA LEU B 17 3.72 -15.03 1.27
C LEU B 17 4.20 -15.45 2.65
N ALA B 18 4.75 -14.50 3.40
CA ALA B 18 5.23 -14.77 4.75
C ALA B 18 4.02 -14.74 5.68
N ALA B 19 3.03 -13.94 5.30
CA ALA B 19 1.79 -13.84 6.07
C ALA B 19 0.66 -13.91 5.05
N PRO B 20 -0.27 -14.86 5.23
CA PRO B 20 -1.39 -15.01 4.30
C PRO B 20 -2.37 -13.85 4.30
N VAL B 21 -3.03 -13.66 3.16
CA VAL B 21 -4.01 -12.60 3.01
C VAL B 21 -5.41 -13.18 3.21
N THR B 22 -6.12 -12.67 4.20
CA THR B 22 -7.47 -13.13 4.48
C THR B 22 -8.47 -11.98 4.46
N THR B 23 -9.70 -12.25 4.88
CA THR B 23 -10.75 -11.23 4.87
C THR B 23 -10.35 -9.97 5.64
N GLY B 24 -10.42 -8.83 4.95
CA GLY B 24 -10.06 -7.57 5.56
C GLY B 24 -8.66 -7.12 5.19
N ASP B 25 -7.90 -8.01 4.56
CA ASP B 25 -6.53 -7.68 4.17
C ASP B 25 -6.45 -7.07 2.77
N ILE B 26 -5.26 -6.57 2.44
CA ILE B 26 -5.03 -5.93 1.15
C ILE B 26 -3.76 -6.41 0.46
N VAL B 27 -3.80 -6.43 -0.87
CA VAL B 27 -2.65 -6.80 -1.68
C VAL B 27 -2.60 -5.82 -2.84
N THR B 28 -1.45 -5.16 -3.02
CA THR B 28 -1.31 -4.20 -4.13
C THR B 28 -0.08 -4.52 -4.97
N PHE B 29 -0.27 -4.54 -6.29
CA PHE B 29 0.83 -4.81 -7.21
C PHE B 29 1.24 -3.47 -7.81
N PHE B 30 2.53 -3.16 -7.76
CA PHE B 30 3.03 -1.92 -8.32
C PHE B 30 3.90 -2.18 -9.55
N SER B 31 3.59 -1.49 -10.63
CA SER B 31 4.35 -1.61 -11.87
C SER B 31 5.07 -0.28 -12.11
N SER B 32 6.33 -0.37 -12.52
CA SER B 32 7.11 0.85 -12.77
C SER B 32 7.00 1.26 -14.24
N ALA B 33 6.05 0.65 -14.94
CA ALA B 33 5.83 0.97 -16.35
C ALA B 33 4.41 0.62 -16.74
N LEU B 34 3.95 1.19 -17.85
CA LEU B 34 2.62 0.93 -18.36
C LEU B 34 2.76 0.94 -19.87
N ASN B 35 2.61 -0.23 -20.48
CA ASN B 35 2.75 -0.39 -21.92
C ASN B 35 1.41 -0.82 -22.51
N LEU B 36 0.56 0.16 -22.84
CA LEU B 36 -0.75 -0.13 -23.40
C LEU B 36 -0.75 -0.37 -24.91
N ASN B 37 0.45 -0.38 -25.50
CA ASN B 37 0.60 -0.62 -26.92
C ASN B 37 1.61 -1.75 -27.14
N ALA B 38 1.64 -2.68 -26.19
CA ALA B 38 2.58 -3.81 -26.23
C ALA B 38 2.26 -4.89 -27.28
N GLY B 39 1.12 -4.79 -27.94
CA GLY B 39 0.77 -5.79 -28.93
C GLY B 39 -0.18 -6.83 -28.33
N ALA B 40 -0.63 -7.76 -29.16
CA ALA B 40 -1.57 -8.79 -28.69
C ALA B 40 -0.98 -9.75 -27.66
N GLY B 41 -1.83 -10.19 -26.73
CA GLY B 41 -1.40 -11.14 -25.73
C GLY B 41 -1.38 -12.52 -26.37
N ASN B 42 -1.19 -13.57 -25.58
CA ASN B 42 -1.14 -14.92 -26.14
C ASN B 42 -1.92 -15.96 -25.36
N PRO B 43 -3.19 -15.69 -25.03
CA PRO B 43 -4.01 -14.50 -25.33
C PRO B 43 -3.84 -13.34 -24.35
N ASN B 44 -3.31 -13.64 -23.17
CA ASN B 44 -3.10 -12.61 -22.14
C ASN B 44 -1.78 -11.86 -22.31
N ASN B 45 -1.80 -10.56 -22.03
CA ASN B 45 -0.59 -9.75 -22.09
C ASN B 45 0.04 -9.84 -20.70
N THR B 46 -0.82 -9.76 -19.69
CA THR B 46 -0.38 -9.79 -18.30
C THR B 46 -1.42 -10.45 -17.40
N THR B 47 -0.96 -11.24 -16.44
CA THR B 47 -1.88 -11.86 -15.48
C THR B 47 -1.31 -11.73 -14.08
N LEU B 48 -2.20 -11.54 -13.12
CA LEU B 48 -1.83 -11.42 -11.72
C LEU B 48 -2.68 -12.47 -11.03
N ASN B 49 -2.07 -13.25 -10.16
CA ASN B 49 -2.82 -14.31 -9.49
C ASN B 49 -2.68 -14.37 -7.97
N LEU B 50 -3.76 -14.78 -7.32
CA LEU B 50 -3.80 -14.97 -5.88
C LEU B 50 -4.13 -16.44 -5.70
N PHE B 51 -3.23 -17.20 -5.08
CA PHE B 51 -3.44 -18.62 -4.87
C PHE B 51 -3.71 -18.96 -3.43
N ALA B 52 -4.51 -20.01 -3.22
CA ALA B 52 -4.81 -20.48 -1.88
C ALA B 52 -3.75 -21.54 -1.61
N GLU B 53 -3.68 -22.01 -0.37
CA GLU B 53 -2.70 -23.02 0.01
C GLU B 53 -2.79 -24.25 -0.89
N ASN B 54 -4.01 -24.74 -1.09
CA ASN B 54 -4.23 -25.92 -1.91
C ASN B 54 -3.83 -25.74 -3.36
N GLY B 55 -3.48 -24.52 -3.74
CA GLY B 55 -3.06 -24.26 -5.10
C GLY B 55 -4.12 -23.65 -6.00
N ALA B 56 -5.33 -23.49 -5.48
CA ALA B 56 -6.41 -22.93 -6.29
C ALA B 56 -6.19 -21.48 -6.69
N TYR B 57 -6.65 -21.13 -7.88
CA TYR B 57 -6.55 -19.75 -8.37
C TYR B 57 -7.76 -19.04 -7.78
N LEU B 58 -7.58 -18.34 -6.66
CA LEU B 58 -8.70 -17.63 -6.02
C LEU B 58 -9.11 -16.48 -6.93
N LEU B 59 -8.11 -15.72 -7.37
CA LEU B 59 -8.36 -14.61 -8.26
C LEU B 59 -7.31 -14.55 -9.34
N HIS B 60 -7.78 -14.54 -10.58
CA HIS B 60 -6.96 -14.49 -11.77
C HIS B 60 -7.35 -13.21 -12.49
N ILE B 61 -6.40 -12.27 -12.61
CA ILE B 61 -6.68 -11.00 -13.31
C ILE B 61 -5.87 -11.01 -14.60
N ALA B 62 -6.56 -11.02 -15.73
CA ALA B 62 -5.88 -11.06 -17.02
C ALA B 62 -6.19 -9.85 -17.90
N PHE B 63 -5.13 -9.25 -18.45
CA PHE B 63 -5.28 -8.09 -19.33
C PHE B 63 -5.03 -8.50 -20.77
N ARG B 64 -5.96 -8.13 -21.66
CA ARG B 64 -5.81 -8.45 -23.08
C ARG B 64 -6.02 -7.19 -23.91
N LEU B 65 -4.93 -6.69 -24.48
CA LEU B 65 -4.99 -5.49 -25.31
C LEU B 65 -5.74 -5.72 -26.61
N GLN B 66 -5.50 -6.86 -27.28
CA GLN B 66 -6.17 -7.12 -28.55
C GLN B 66 -7.68 -7.28 -28.42
N GLU B 67 -8.15 -7.67 -27.23
CA GLU B 67 -9.59 -7.82 -27.01
C GLU B 67 -10.08 -6.61 -26.23
N ASN B 68 -9.14 -5.79 -25.78
CA ASN B 68 -9.45 -4.59 -25.01
C ASN B 68 -10.38 -4.94 -23.86
N VAL B 69 -9.93 -5.85 -23.00
CA VAL B 69 -10.73 -6.26 -21.87
C VAL B 69 -9.86 -6.76 -20.73
N ILE B 70 -10.42 -6.73 -19.52
CA ILE B 70 -9.73 -7.23 -18.34
C ILE B 70 -10.60 -8.38 -17.88
N ILE B 71 -9.98 -9.54 -17.68
CA ILE B 71 -10.69 -10.74 -17.27
C ILE B 71 -10.46 -11.08 -15.82
N PHE B 72 -11.50 -11.58 -15.16
CA PHE B 72 -11.41 -11.99 -13.76
C PHE B 72 -12.03 -13.39 -13.70
N ASN B 73 -11.27 -14.35 -13.19
CA ASN B 73 -11.78 -15.71 -13.10
C ASN B 73 -11.10 -16.47 -11.97
N SER B 74 -11.54 -17.70 -11.76
CA SER B 74 -10.99 -18.57 -10.72
C SER B 74 -10.96 -19.98 -11.27
N ARG B 75 -10.21 -20.86 -10.61
CA ARG B 75 -10.17 -22.27 -11.02
C ARG B 75 -9.35 -23.10 -10.07
N GLN B 76 -9.61 -24.41 -10.09
CA GLN B 76 -8.85 -25.35 -9.27
C GLN B 76 -7.63 -25.64 -10.15
N PRO B 77 -6.48 -25.98 -9.54
CA PRO B 77 -5.23 -26.26 -10.26
C PRO B 77 -5.31 -27.34 -11.34
N ASP B 78 -6.16 -28.33 -11.11
CA ASP B 78 -6.32 -29.44 -12.05
C ASP B 78 -7.70 -29.40 -12.69
N GLY B 79 -8.41 -28.27 -12.51
CA GLY B 79 -9.74 -28.15 -13.09
C GLY B 79 -9.88 -27.10 -14.18
N PRO B 80 -11.08 -26.97 -14.77
CA PRO B 80 -11.35 -26.00 -15.83
C PRO B 80 -11.56 -24.59 -15.29
N TRP B 81 -11.34 -23.60 -16.14
CA TRP B 81 -11.56 -22.22 -15.73
C TRP B 81 -13.05 -22.10 -15.48
N LEU B 82 -13.43 -21.31 -14.47
CA LEU B 82 -14.83 -21.14 -14.12
C LEU B 82 -15.48 -20.03 -14.93
N VAL B 83 -16.54 -19.44 -14.39
CA VAL B 83 -17.25 -18.39 -15.12
C VAL B 83 -16.51 -17.05 -15.19
N GLU B 84 -16.09 -16.70 -16.41
CA GLU B 84 -15.38 -15.46 -16.66
C GLU B 84 -16.18 -14.17 -16.49
N GLN B 85 -15.57 -13.19 -15.82
CA GLN B 85 -16.17 -11.87 -15.66
C GLN B 85 -15.29 -10.96 -16.52
N ARG B 86 -15.91 -10.04 -17.25
CA ARG B 86 -15.14 -9.14 -18.11
C ARG B 86 -15.47 -7.67 -17.91
N VAL B 87 -14.45 -6.84 -18.07
CA VAL B 87 -14.61 -5.38 -17.97
C VAL B 87 -13.85 -4.82 -19.15
N SER B 88 -14.56 -4.13 -20.03
CA SER B 88 -13.96 -3.56 -21.24
C SER B 88 -13.25 -2.22 -21.06
N ASP B 89 -12.43 -1.89 -22.04
CA ASP B 89 -11.67 -0.64 -22.07
C ASP B 89 -10.52 -0.64 -21.07
N VAL B 90 -9.40 -1.24 -21.47
CA VAL B 90 -8.23 -1.33 -20.61
C VAL B 90 -7.64 0.05 -20.28
N ALA B 91 -7.46 0.88 -21.31
CA ALA B 91 -6.91 2.22 -21.12
C ALA B 91 -7.71 3.09 -20.15
N ASN B 92 -9.03 3.00 -20.22
CA ASN B 92 -9.86 3.81 -19.34
C ASN B 92 -9.64 3.49 -17.86
N GLN B 93 -9.28 2.26 -17.55
CA GLN B 93 -9.07 1.89 -16.16
C GLN B 93 -7.78 2.49 -15.62
N PHE B 94 -6.79 2.69 -16.50
CA PHE B 94 -5.51 3.26 -16.09
C PHE B 94 -5.47 4.77 -16.34
N ALA B 95 -6.51 5.31 -16.96
CA ALA B 95 -6.58 6.73 -17.28
C ALA B 95 -6.22 7.62 -16.10
N GLY B 96 -5.47 8.69 -16.38
CA GLY B 96 -5.07 9.62 -15.34
C GLY B 96 -3.61 9.51 -14.94
N ILE B 97 -3.04 8.31 -15.04
CA ILE B 97 -1.65 8.07 -14.68
C ILE B 97 -0.89 7.33 -15.77
N ASP B 98 0.26 7.87 -16.17
CA ASP B 98 1.07 7.27 -17.22
C ASP B 98 2.43 6.84 -16.69
N GLY B 99 3.06 5.88 -17.37
CA GLY B 99 4.38 5.43 -16.99
C GLY B 99 4.50 4.56 -15.74
N LYS B 100 3.36 4.18 -15.17
CA LYS B 100 3.35 3.34 -13.99
C LYS B 100 1.91 3.00 -13.68
N ALA B 101 1.69 2.10 -12.73
CA ALA B 101 0.33 1.72 -12.38
C ALA B 101 0.32 0.84 -11.14
N MET B 102 -0.83 0.77 -10.49
CA MET B 102 -0.97 -0.09 -9.33
C MET B 102 -2.31 -0.79 -9.38
N VAL B 103 -2.33 -2.04 -8.93
CA VAL B 103 -3.54 -2.84 -8.91
C VAL B 103 -3.72 -3.30 -7.49
N THR B 104 -4.84 -2.90 -6.89
CA THR B 104 -5.12 -3.25 -5.50
C THR B 104 -6.27 -4.25 -5.41
N VAL B 105 -6.13 -5.23 -4.53
CA VAL B 105 -7.16 -6.22 -4.31
C VAL B 105 -7.53 -6.22 -2.84
N PHE B 106 -8.80 -5.95 -2.56
CA PHE B 106 -9.28 -5.98 -1.19
C PHE B 106 -10.02 -7.29 -1.02
N ASP B 107 -9.67 -8.06 0.01
CA ASP B 107 -10.36 -9.32 0.27
C ASP B 107 -11.49 -9.00 1.24
N HIS B 108 -12.72 -9.04 0.74
CA HIS B 108 -13.89 -8.75 1.56
C HIS B 108 -14.61 -10.00 2.02
N GLY B 109 -13.95 -11.14 1.91
CA GLY B 109 -14.55 -12.40 2.35
C GLY B 109 -15.39 -13.08 1.27
N ASP B 110 -16.48 -12.43 0.89
CA ASP B 110 -17.39 -12.97 -0.13
C ASP B 110 -17.02 -12.46 -1.50
N LYS B 111 -16.30 -11.34 -1.56
CA LYS B 111 -15.91 -10.77 -2.83
C LYS B 111 -14.51 -10.17 -2.80
N TYR B 112 -13.96 -9.97 -3.99
CA TYR B 112 -12.65 -9.35 -4.15
C TYR B 112 -12.90 -8.02 -4.84
N GLN B 113 -12.51 -6.93 -4.21
CA GLN B 113 -12.66 -5.61 -4.83
C GLN B 113 -11.34 -5.32 -5.52
N VAL B 114 -11.38 -5.12 -6.84
CA VAL B 114 -10.17 -4.83 -7.59
C VAL B 114 -10.16 -3.36 -8.00
N VAL B 115 -9.08 -2.68 -7.64
CA VAL B 115 -8.94 -1.26 -7.94
C VAL B 115 -7.67 -0.96 -8.72
N ILE B 116 -7.83 -0.35 -9.88
CA ILE B 116 -6.67 0.02 -10.69
C ILE B 116 -6.45 1.50 -10.39
N ASN B 117 -5.31 1.81 -9.78
CA ASN B 117 -4.99 3.16 -9.37
C ASN B 117 -6.05 3.59 -8.36
N GLU B 118 -6.91 4.53 -8.72
CA GLU B 118 -7.97 4.98 -7.80
C GLU B 118 -9.35 4.46 -8.16
N LYS B 119 -9.47 3.83 -9.32
CA LYS B 119 -10.75 3.34 -9.81
C LYS B 119 -11.10 1.89 -9.52
N THR B 120 -12.24 1.68 -8.88
CA THR B 120 -12.69 0.32 -8.62
C THR B 120 -13.21 -0.23 -9.95
N VAL B 121 -12.56 -1.28 -10.44
CA VAL B 121 -12.94 -1.88 -11.71
C VAL B 121 -14.01 -2.95 -11.57
N ILE B 122 -14.06 -3.62 -10.42
CA ILE B 122 -15.06 -4.66 -10.21
C ILE B 122 -15.12 -5.17 -8.79
N GLN B 123 -16.32 -5.56 -8.36
CA GLN B 123 -16.56 -6.16 -7.06
C GLN B 123 -16.79 -7.60 -7.52
N TYR B 124 -15.74 -8.40 -7.47
CA TYR B 124 -15.80 -9.78 -7.93
C TYR B 124 -16.30 -10.77 -6.90
N THR B 125 -17.46 -11.36 -7.17
CA THR B 125 -18.03 -12.36 -6.28
C THR B 125 -17.14 -13.58 -6.41
N LYS B 126 -16.66 -14.09 -5.29
CA LYS B 126 -15.78 -15.23 -5.31
C LYS B 126 -16.42 -16.49 -5.84
N GLN B 127 -15.64 -17.28 -6.57
CA GLN B 127 -16.11 -18.55 -7.11
C GLN B 127 -15.44 -19.64 -6.27
N ILE B 128 -14.33 -19.25 -5.64
CA ILE B 128 -13.58 -20.14 -4.75
C ILE B 128 -13.16 -19.27 -3.58
N SER B 129 -13.25 -19.80 -2.37
CA SER B 129 -12.88 -19.03 -1.19
C SER B 129 -11.67 -19.62 -0.47
N GLY B 130 -11.16 -18.88 0.50
CA GLY B 130 -10.01 -19.35 1.25
C GLY B 130 -8.95 -18.27 1.42
N LEU B 131 -7.87 -18.61 2.12
CA LEU B 131 -6.78 -17.68 2.36
C LEU B 131 -5.82 -17.65 1.18
N THR B 132 -5.29 -16.47 0.88
CA THR B 132 -4.32 -16.35 -0.20
C THR B 132 -2.95 -16.55 0.44
N SER B 133 -2.19 -17.52 -0.07
CA SER B 133 -0.88 -17.79 0.49
C SER B 133 0.25 -17.66 -0.52
N SER B 134 -0.09 -17.38 -1.77
CA SER B 134 0.90 -17.23 -2.83
C SER B 134 0.42 -16.30 -3.94
N LEU B 135 1.37 -15.65 -4.61
CA LEU B 135 1.05 -14.71 -5.70
C LEU B 135 1.91 -14.97 -6.93
N SER B 136 1.40 -14.61 -8.10
CA SER B 136 2.16 -14.74 -9.33
C SER B 136 1.84 -13.63 -10.32
N TYR B 137 2.80 -13.33 -11.17
CA TYR B 137 2.68 -12.32 -12.21
C TYR B 137 3.24 -13.00 -13.47
N ASN B 138 2.37 -13.24 -14.44
CA ASN B 138 2.77 -13.92 -15.67
C ASN B 138 2.70 -13.04 -16.90
N ALA B 139 3.78 -13.07 -17.69
CA ALA B 139 3.87 -12.29 -18.92
C ALA B 139 5.23 -12.50 -19.59
N THR B 140 5.32 -12.09 -20.85
CA THR B 140 6.57 -12.21 -21.59
C THR B 140 7.25 -10.84 -21.53
N GLU B 141 8.56 -10.82 -21.75
CA GLU B 141 9.31 -9.57 -21.74
C GLU B 141 8.78 -8.59 -22.78
N GLU B 142 8.29 -9.13 -23.89
CA GLU B 142 7.81 -8.30 -24.97
C GLU B 142 6.38 -7.75 -24.91
N THR B 143 5.41 -8.56 -24.50
CA THR B 143 4.02 -8.11 -24.50
C THR B 143 3.32 -7.76 -23.19
N SER B 144 4.04 -7.67 -22.07
CA SER B 144 3.39 -7.33 -20.81
C SER B 144 3.03 -5.83 -20.80
N ILE B 145 1.97 -5.48 -20.11
CA ILE B 145 1.60 -4.07 -20.02
C ILE B 145 2.32 -3.46 -18.83
N PHE B 146 2.94 -4.32 -18.02
CA PHE B 146 3.67 -3.87 -16.84
C PHE B 146 5.18 -4.08 -16.95
N SER B 147 5.91 -3.51 -16.00
CA SER B 147 7.36 -3.63 -15.96
C SER B 147 7.78 -5.08 -15.73
N THR B 148 8.99 -5.42 -16.16
CA THR B 148 9.52 -6.77 -16.00
C THR B 148 9.36 -7.29 -14.57
N VAL B 149 9.59 -6.43 -13.60
CA VAL B 149 9.44 -6.82 -12.21
C VAL B 149 8.35 -5.97 -11.57
N VAL B 150 7.41 -6.63 -10.91
CA VAL B 150 6.31 -5.95 -10.23
C VAL B 150 6.53 -6.15 -8.74
N GLU B 151 6.22 -5.13 -7.94
CA GLU B 151 6.39 -5.24 -6.50
C GLU B 151 5.03 -5.43 -5.82
N ALA B 152 4.88 -6.53 -5.10
CA ALA B 152 3.63 -6.80 -4.40
C ALA B 152 3.79 -6.41 -2.94
N VAL B 153 2.82 -5.63 -2.44
CA VAL B 153 2.85 -5.20 -1.06
C VAL B 153 1.57 -5.68 -0.40
N THR B 154 1.71 -6.38 0.72
CA THR B 154 0.55 -6.88 1.43
C THR B 154 0.39 -6.22 2.80
N TYR B 155 -0.86 -6.00 3.17
CA TYR B 155 -1.21 -5.42 4.47
C TYR B 155 -2.10 -6.48 5.09
N THR B 156 -1.57 -7.16 6.11
CA THR B 156 -2.28 -8.24 6.76
C THR B 156 -2.52 -8.05 8.26
N GLY B 157 -3.33 -8.93 8.83
CA GLY B 157 -3.67 -8.88 10.24
C GLY B 157 -4.49 -7.64 10.57
N LEU B 158 -5.22 -7.14 9.59
CA LEU B 158 -6.02 -5.94 9.75
C LEU B 158 -7.33 -6.07 10.50
N ALA B 159 -8.07 -7.14 10.27
CA ALA B 159 -9.35 -7.34 10.96
C ALA B 159 -9.12 -7.46 12.46
N LEU B 160 -10.04 -6.90 13.24
CA LEU B 160 -9.91 -6.94 14.70
C LEU B 160 -11.07 -7.65 15.41
N GLU B 161 -10.71 -8.40 16.45
CA GLU B 161 -11.70 -9.11 17.25
C GLU B 161 -11.98 -8.22 18.46
N HIS B 162 -13.19 -7.70 18.56
CA HIS B 162 -13.56 -6.82 19.66
C HIS B 162 -14.49 -7.51 20.65
N HIS B 163 -13.96 -7.83 21.83
CA HIS B 163 -14.72 -8.49 22.88
C HIS B 163 -15.44 -7.50 23.78
N HIS B 164 -16.68 -7.83 24.12
CA HIS B 164 -17.52 -7.00 24.97
C HIS B 164 -18.03 -7.82 26.15
N HIS B 165 -17.77 -7.33 27.35
CA HIS B 165 -18.21 -8.02 28.56
C HIS B 165 -19.34 -7.26 29.22
N HIS B 166 -20.49 -7.93 29.39
CA HIS B 166 -21.66 -7.34 30.01
C HIS B 166 -21.87 -7.91 31.41
O5 A2G C . 16.08 19.01 20.76
C1 A2G C . 16.42 20.21 20.06
C2 A2G C . 15.84 20.20 18.65
N2 A2G C . 16.03 21.54 18.05
C3 A2G C . 14.33 19.94 18.67
O3 A2G C . 13.94 19.76 17.30
C4 A2G C . 14.02 18.71 19.53
O4 A2G C . 14.50 17.52 18.91
C5 A2G C . 14.66 18.87 20.91
C6 A2G C . 14.37 17.63 21.75
O6 A2G C . 14.94 17.80 23.06
C7 A2G C . 16.93 21.78 17.11
O7 A2G C . 17.76 20.80 16.67
C8 A2G C . 17.03 23.06 16.57
C1 GAL C . 12.52 19.92 17.09
C2 GAL C . 12.39 20.48 15.68
C3 GAL C . 10.94 20.47 15.20
C4 GAL C . 10.36 19.06 15.38
C5 GAL C . 10.51 18.66 16.84
C6 GAL C . 9.88 17.29 17.08
O2 GAL C . 12.93 21.80 15.62
O3 GAL C . 10.92 20.82 13.80
O4 GAL C . 11.10 18.14 14.56
O5 GAL C . 11.91 18.62 17.20
O6 GAL C . 9.97 16.96 18.48
O5 A2G D . -12.16 -18.23 -24.29
C1 A2G D . -11.05 -18.82 -24.97
C2 A2G D . -9.74 -18.22 -24.43
N2 A2G D . -8.59 -18.82 -25.12
C3 A2G D . -9.62 -18.49 -22.94
O3 A2G D . -8.41 -17.88 -22.46
C4 A2G D . -10.87 -17.94 -22.24
O4 A2G D . -10.90 -16.52 -22.32
C5 A2G D . -12.13 -18.53 -22.89
C6 A2G D . -13.36 -17.91 -22.22
O6 A2G D . -14.54 -18.47 -22.80
C7 A2G D . -8.09 -18.33 -26.24
O7 A2G D . -8.65 -17.22 -26.81
C8 A2G D . -6.98 -18.92 -26.84
C1 GAL D . -8.07 -18.37 -21.15
C2 GAL D . -6.55 -18.24 -21.01
C3 GAL D . -6.10 -18.59 -19.60
C4 GAL D . -6.91 -17.75 -18.61
C5 GAL D . -8.40 -17.99 -18.84
C6 GAL D . -9.21 -17.16 -17.84
O2 GAL D . -5.91 -19.09 -21.97
O3 GAL D . -4.71 -18.30 -19.46
O4 GAL D . -6.60 -16.37 -18.83
O5 GAL D . -8.73 -17.58 -20.17
O6 GAL D . -10.60 -17.31 -18.12
N THR E . 16.21 23.98 21.72
CA THR E . 17.34 23.04 21.80
C THR E . 18.20 23.18 20.54
O THR E . 17.83 24.04 19.70
CB THR E . 16.81 21.61 21.90
OG1 THR E . 15.94 21.36 20.79
CG2 THR E . 16.04 21.42 23.21
OXT THR E . 19.19 22.44 20.44
N THR F . -10.81 -22.98 -25.39
CA THR F . -11.41 -22.01 -26.32
C THR F . -10.31 -21.43 -27.21
O THR F . -9.16 -21.92 -27.08
CB THR F . -12.04 -20.87 -25.52
OG1 THR F . -11.02 -20.24 -24.74
CG2 THR F . -13.10 -21.46 -24.57
OXT THR F . -10.63 -20.51 -27.98
#